data_3TYD
#
_entry.id   3TYD
#
_cell.length_a   99.440
_cell.length_b   99.440
_cell.length_c   262.130
_cell.angle_alpha   90.000
_cell.angle_beta   90.000
_cell.angle_gamma   120.000
#
_symmetry.space_group_name_H-M   'P 62 2 2'
#
loop_
_entity.id
_entity.type
_entity.pdbx_description
1 polymer 'Dihydropteroate synthase'
2 non-polymer 'PYROPHOSPHATE 2-'
3 non-polymer 2-amino-6-methylidene-6,7-dihydropteridin-4(3H)-one
4 non-polymer 'SULFATE ION'
5 water water
#
_entity_poly.entity_id   1
_entity_poly.type   'polypeptide(L)'
_entity_poly.pdbx_seq_one_letter_code
;MGSSHHHHHHSSGLVPRGSHMKWDYDLRCGEYTLNLNEKTLIMGILNVTPDSFSDGGSYNEVDAAVRHAKEMRDEGAHII
DIGGESTRPGFAKVSVEEEIKRVVPMIQAVSKEVKLPISIDTYKAEVAKQAIEAGAHIINDIWGAKAEPKIAEVAAHYDV
PIILMHNRDNMNYRNLMADMIADLYDSIKIAKDAGVRDENIILDPGIGFAKTPEQNLEAMRNLEQLNVLGYPVLLGTSRK
SFIGHVLDLPVEERLEGTGATVCLGIEKGCEFVRVHDVKEMSRMAKMMDAMIGKGVK
;
_entity_poly.pdbx_strand_id   A,B
#
# COMPACT_ATOMS: atom_id res chain seq x y z
N LYS A 22 40.32 -10.29 4.33
CA LYS A 22 39.91 -10.93 5.63
C LYS A 22 38.91 -12.06 5.43
N TRP A 23 37.71 -11.76 4.93
CA TRP A 23 36.76 -12.82 4.56
C TRP A 23 37.02 -13.27 3.13
N ASP A 24 37.22 -14.57 2.94
CA ASP A 24 37.52 -15.08 1.62
C ASP A 24 36.25 -15.55 0.88
N TYR A 25 35.11 -15.04 1.34
CA TYR A 25 33.84 -15.31 0.68
C TYR A 25 32.83 -14.17 0.80
N ASP A 26 31.75 -14.29 0.04
CA ASP A 26 30.64 -13.34 0.03
C ASP A 26 29.42 -13.99 0.60
N LEU A 27 28.55 -13.16 1.15
CA LEU A 27 27.32 -13.65 1.70
C LEU A 27 26.30 -13.73 0.57
N ARG A 28 25.88 -14.95 0.28
CA ARG A 28 25.01 -15.21 -0.84
C ARG A 28 23.55 -15.26 -0.44
N CYS A 29 22.79 -14.26 -0.90
CA CYS A 29 21.35 -14.17 -0.64
C CYS A 29 20.54 -14.08 -1.96
N GLY A 30 20.22 -15.24 -2.55
CA GLY A 30 19.41 -15.27 -3.76
C GLY A 30 20.00 -14.30 -4.76
N GLU A 31 19.21 -13.34 -5.21
CA GLU A 31 19.71 -12.37 -6.18
C GLU A 31 20.70 -11.34 -5.61
N TYR A 32 20.78 -11.19 -4.29
CA TYR A 32 21.71 -10.19 -3.73
C TYR A 32 22.98 -10.84 -3.21
N THR A 33 24.05 -10.04 -3.16
CA THR A 33 25.35 -10.52 -2.79
C THR A 33 25.94 -9.48 -1.87
N LEU A 34 26.26 -9.89 -0.65
CA LEU A 34 26.78 -8.97 0.34
C LEU A 34 28.25 -9.21 0.54
N ASN A 35 29.04 -8.14 0.45
CA ASN A 35 30.47 -8.23 0.65
C ASN A 35 30.77 -7.93 2.12
N LEU A 36 31.55 -8.82 2.72
CA LEU A 36 31.81 -8.75 4.14
C LEU A 36 33.10 -8.00 4.42
N ASN A 37 33.81 -7.58 3.39
CA ASN A 37 35.10 -6.90 3.58
C ASN A 37 35.11 -5.38 3.35
N GLU A 38 34.24 -4.88 2.47
CA GLU A 38 34.38 -3.49 2.04
C GLU A 38 33.82 -2.49 3.06
N LYS A 39 32.70 -2.81 3.68
CA LYS A 39 32.13 -1.91 4.69
C LYS A 39 31.29 -2.69 5.70
N THR A 40 31.17 -2.15 6.92
CA THR A 40 30.17 -2.58 7.90
C THR A 40 28.74 -2.49 7.37
N LEU A 41 28.08 -3.64 7.30
CA LEU A 41 26.75 -3.77 6.69
C LEU A 41 25.66 -3.41 7.67
N ILE A 42 24.77 -2.51 7.23
CA ILE A 42 23.74 -1.95 8.09
C ILE A 42 22.45 -2.72 7.89
N MET A 43 21.95 -3.25 9.01
CA MET A 43 20.65 -3.92 8.98
C MET A 43 19.55 -2.99 9.55
N GLY A 44 18.59 -2.63 8.73
CA GLY A 44 17.53 -1.71 9.12
C GLY A 44 16.43 -2.46 9.84
N ILE A 45 16.01 -1.95 11.00
CA ILE A 45 14.92 -2.58 11.72
C ILE A 45 13.55 -2.10 11.20
N LEU A 46 12.76 -3.08 10.76
CA LEU A 46 11.38 -2.86 10.40
C LEU A 46 10.45 -3.63 11.33
N ASN A 47 9.88 -2.91 12.29
CA ASN A 47 9.04 -3.53 13.30
C ASN A 47 7.61 -3.63 12.85
N VAL A 48 7.13 -4.87 12.76
CA VAL A 48 5.89 -5.16 12.05
C VAL A 48 4.91 -5.86 12.97
N THR A 49 5.19 -5.73 14.25
CA THR A 49 4.45 -6.40 15.28
C THR A 49 3.16 -5.64 15.48
N PRO A 50 2.03 -6.37 15.43
CA PRO A 50 0.70 -5.77 15.57
C PRO A 50 0.47 -5.24 16.96
N ASP A 51 -0.06 -4.03 17.08
CA ASP A 51 -0.38 -3.46 18.39
C ASP A 51 -1.82 -3.75 18.77
N SER A 52 -2.57 -4.25 17.79
CA SER A 52 -3.93 -4.79 17.97
C SER A 52 -4.23 -5.85 16.91
N PHE A 53 -5.25 -6.68 17.16
CA PHE A 53 -5.75 -7.64 16.16
C PHE A 53 -6.37 -6.92 14.94
N SER A 54 -5.86 -7.23 13.75
CA SER A 54 -6.30 -6.59 12.51
C SER A 54 -6.46 -7.63 11.40
N GLY A 57 -2.26 -6.78 7.28
CA GLY A 57 -2.85 -7.10 5.97
C GLY A 57 -3.37 -5.87 5.25
N SER A 58 -4.14 -5.04 5.95
CA SER A 58 -4.73 -3.83 5.38
C SER A 58 -3.64 -2.88 4.86
N TYR A 59 -3.97 -2.22 3.76
CA TYR A 59 -3.13 -1.22 3.09
C TYR A 59 -2.30 -0.34 4.04
N ASN A 60 -2.96 0.33 5.00
CA ASN A 60 -2.29 1.20 5.97
C ASN A 60 -0.98 0.66 6.55
N GLU A 61 -1.04 -0.58 7.05
CA GLU A 61 0.11 -1.19 7.68
C GLU A 61 1.16 -1.50 6.63
N VAL A 62 0.76 -2.27 5.60
CA VAL A 62 1.73 -2.74 4.61
C VAL A 62 2.37 -1.54 3.94
N ASP A 63 1.54 -0.57 3.56
CA ASP A 63 2.03 0.65 2.95
C ASP A 63 3.05 1.38 3.86
N ALA A 64 2.76 1.42 5.15
CA ALA A 64 3.62 2.13 6.07
C ALA A 64 4.95 1.40 6.28
N ALA A 65 4.91 0.08 6.13
CA ALA A 65 6.11 -0.72 6.27
C ALA A 65 6.98 -0.51 5.04
N VAL A 66 6.34 -0.43 3.86
CA VAL A 66 7.09 -0.21 2.63
C VAL A 66 7.78 1.14 2.67
N ARG A 67 7.08 2.20 3.08
CA ARG A 67 7.67 3.53 3.04
C ARG A 67 8.83 3.63 4.01
N HIS A 68 8.73 2.92 5.12
CA HIS A 68 9.80 2.92 6.09
C HIS A 68 10.97 2.11 5.52
N ALA A 69 10.70 0.99 4.86
CA ALA A 69 11.78 0.25 4.21
C ALA A 69 12.43 1.12 3.16
N LYS A 70 11.65 1.86 2.38
CA LYS A 70 12.24 2.70 1.35
C LYS A 70 13.11 3.76 1.99
N GLU A 71 12.66 4.29 3.12
CA GLU A 71 13.35 5.35 3.85
C GLU A 71 14.72 4.83 4.22
N MET A 72 14.75 3.64 4.80
CA MET A 72 15.98 3.08 5.29
C MET A 72 16.92 2.77 4.12
N ARG A 73 16.37 2.27 3.03
CA ARG A 73 17.18 2.08 1.83
C ARG A 73 17.78 3.42 1.46
N ASP A 74 16.99 4.47 1.41
CA ASP A 74 17.54 5.78 1.10
C ASP A 74 18.59 6.21 2.11
N GLU A 75 18.45 5.78 3.37
CA GLU A 75 19.25 6.30 4.47
C GLU A 75 20.57 5.55 4.63
N GLY A 76 20.75 4.47 3.88
CA GLY A 76 21.99 3.71 3.92
C GLY A 76 21.92 2.26 4.32
N ALA A 77 20.72 1.72 4.47
CA ALA A 77 20.58 0.33 4.91
C ALA A 77 20.98 -0.64 3.80
N HIS A 78 21.65 -1.71 4.22
CA HIS A 78 21.96 -2.80 3.29
C HIS A 78 21.07 -4.03 3.46
N ILE A 79 20.35 -4.13 4.59
CA ILE A 79 19.41 -5.25 4.84
C ILE A 79 18.13 -4.79 5.56
N ILE A 80 16.99 -5.38 5.22
CA ILE A 80 15.77 -5.09 5.99
C ILE A 80 15.42 -6.26 6.90
N ASP A 81 15.36 -6.02 8.21
CA ASP A 81 14.95 -7.04 9.18
C ASP A 81 13.49 -6.88 9.57
N ILE A 82 12.63 -7.69 8.98
CA ILE A 82 11.21 -7.67 9.30
C ILE A 82 10.93 -8.65 10.44
N GLY A 83 10.44 -8.10 11.55
CA GLY A 83 10.04 -8.91 12.68
C GLY A 83 8.64 -8.56 13.13
N GLY A 84 7.87 -9.60 13.45
CA GLY A 84 6.51 -9.43 13.94
C GLY A 84 6.32 -10.16 15.26
N GLU A 85 7.38 -10.20 16.07
CA GLU A 85 7.35 -10.87 17.37
C GLU A 85 7.95 -10.04 18.48
N SER A 86 8.07 -8.73 18.27
CA SER A 86 8.59 -7.83 19.31
C SER A 86 7.77 -8.04 20.59
N THR A 87 8.43 -7.88 21.72
CA THR A 87 7.82 -8.32 22.98
C THR A 87 7.22 -7.20 23.82
N ARG A 88 6.72 -6.17 23.14
CA ARG A 88 5.85 -5.16 23.77
C ARG A 88 6.73 -4.16 24.56
N PRO A 89 6.14 -3.42 25.54
CA PRO A 89 4.69 -3.36 25.86
C PRO A 89 3.84 -2.78 24.72
N GLY A 90 2.56 -3.15 24.70
CA GLY A 90 1.63 -2.58 23.73
C GLY A 90 1.37 -3.44 22.50
N PHE A 91 2.15 -4.52 22.36
CA PHE A 91 2.00 -5.42 21.23
C PHE A 91 1.11 -6.59 21.58
N ALA A 92 0.41 -7.13 20.58
CA ALA A 92 -0.55 -8.20 20.80
C ALA A 92 0.08 -9.58 20.74
N LYS A 93 -0.40 -10.49 21.58
CA LYS A 93 0.04 -11.89 21.53
C LYS A 93 -0.46 -12.50 20.23
N VAL A 94 0.48 -13.03 19.45
CA VAL A 94 0.17 -13.50 18.11
C VAL A 94 0.54 -14.98 17.93
N SER A 95 -0.46 -15.78 17.53
CA SER A 95 -0.28 -17.20 17.26
C SER A 95 0.44 -17.37 15.93
N VAL A 96 1.05 -18.55 15.76
CA VAL A 96 1.90 -18.81 14.59
C VAL A 96 1.16 -18.55 13.26
N GLU A 97 0.00 -19.17 13.07
CA GLU A 97 -0.74 -19.04 11.81
C GLU A 97 -1.20 -17.60 11.56
N GLU A 98 -1.23 -16.82 12.63
CA GLU A 98 -1.65 -15.43 12.58
C GLU A 98 -0.49 -14.55 12.14
N GLU A 99 0.71 -14.89 12.61
CA GLU A 99 1.94 -14.16 12.30
C GLU A 99 2.32 -14.34 10.85
N ILE A 100 2.20 -15.55 10.34
CA ILE A 100 2.38 -15.80 8.90
C ILE A 100 1.43 -14.92 8.06
N LYS A 101 0.14 -14.90 8.37
CA LYS A 101 -0.83 -14.10 7.61
C LYS A 101 -0.47 -12.61 7.63
N ARG A 102 0.07 -12.15 8.76
CA ARG A 102 0.48 -10.75 8.92
C ARG A 102 1.82 -10.44 8.26
N VAL A 103 2.83 -11.28 8.50
CA VAL A 103 4.21 -10.99 8.10
C VAL A 103 4.52 -11.35 6.64
N VAL A 104 3.78 -12.31 6.07
CA VAL A 104 3.97 -12.69 4.66
C VAL A 104 3.68 -11.53 3.67
N PRO A 105 2.47 -10.92 3.72
CA PRO A 105 2.22 -9.73 2.90
C PRO A 105 3.28 -8.63 3.03
N MET A 106 3.74 -8.37 4.25
CA MET A 106 4.81 -7.40 4.46
C MET A 106 6.04 -7.77 3.65
N ILE A 107 6.40 -9.04 3.66
CA ILE A 107 7.60 -9.48 2.98
C ILE A 107 7.43 -9.32 1.47
N GLN A 108 6.26 -9.76 0.98
CA GLN A 108 5.98 -9.80 -0.46
C GLN A 108 6.04 -8.41 -1.11
N ALA A 109 5.55 -7.43 -0.38
CA ALA A 109 5.53 -6.07 -0.90
C ALA A 109 6.91 -5.43 -0.82
N VAL A 110 7.53 -5.49 0.36
CA VAL A 110 8.86 -4.91 0.54
C VAL A 110 9.91 -5.45 -0.47
N SER A 111 10.00 -6.77 -0.61
CA SER A 111 10.97 -7.34 -1.52
C SER A 111 10.65 -7.03 -2.97
N LYS A 112 9.41 -6.60 -3.24
CA LYS A 112 9.01 -6.27 -4.60
C LYS A 112 9.35 -4.83 -4.92
N GLU A 113 9.35 -3.98 -3.91
CA GLU A 113 9.49 -2.55 -4.15
C GLU A 113 10.74 -2.00 -3.56
N VAL A 114 11.45 -2.84 -2.81
CA VAL A 114 12.70 -2.45 -2.21
C VAL A 114 13.77 -3.50 -2.48
N LYS A 115 14.63 -3.15 -3.41
CA LYS A 115 15.63 -4.03 -3.94
C LYS A 115 16.78 -4.13 -2.96
N LEU A 116 16.60 -5.00 -1.96
CA LEU A 116 17.49 -5.12 -0.80
C LEU A 116 17.18 -6.48 -0.20
N PRO A 117 18.21 -7.21 0.28
CA PRO A 117 17.90 -8.48 0.96
C PRO A 117 17.19 -8.29 2.30
N ILE A 118 16.27 -9.20 2.58
CA ILE A 118 15.42 -9.13 3.75
C ILE A 118 15.71 -10.31 4.64
N SER A 119 15.81 -10.05 5.95
CA SER A 119 15.88 -11.10 6.94
C SER A 119 14.56 -11.19 7.68
N ILE A 120 14.25 -12.37 8.19
CA ILE A 120 13.03 -12.60 8.95
C ILE A 120 13.41 -12.86 10.40
N ASP A 121 12.88 -12.01 11.28
CA ASP A 121 13.21 -11.99 12.71
C ASP A 121 12.19 -12.85 13.44
N THR A 122 12.52 -14.12 13.58
CA THR A 122 11.67 -15.10 14.24
C THR A 122 12.54 -16.19 14.86
N TYR A 123 11.97 -16.94 15.80
CA TYR A 123 12.64 -18.16 16.30
C TYR A 123 11.74 -19.36 16.00
N LYS A 124 10.60 -19.09 15.37
CA LYS A 124 9.68 -20.14 14.96
C LYS A 124 10.04 -20.69 13.59
N ALA A 125 10.02 -22.02 13.47
CA ALA A 125 10.39 -22.71 12.24
C ALA A 125 9.39 -22.52 11.11
N GLU A 126 8.11 -22.67 11.40
CA GLU A 126 7.08 -22.52 10.36
C GLU A 126 6.96 -21.07 9.82
N VAL A 127 7.30 -20.10 10.66
CA VAL A 127 7.33 -18.70 10.24
C VAL A 127 8.41 -18.46 9.18
N ALA A 128 9.66 -18.78 9.50
CA ALA A 128 10.79 -18.67 8.58
C ALA A 128 10.56 -19.34 7.22
N LYS A 129 10.06 -20.58 7.26
CA LYS A 129 9.69 -21.32 6.06
C LYS A 129 8.88 -20.41 5.16
N GLN A 130 7.69 -20.03 5.62
CA GLN A 130 6.82 -19.12 4.86
C GLN A 130 7.43 -17.75 4.49
N ALA A 131 8.27 -17.18 5.36
CA ALA A 131 8.93 -15.91 5.09
C ALA A 131 9.88 -15.96 3.89
N ILE A 132 10.73 -16.98 3.85
CA ILE A 132 11.59 -17.25 2.70
C ILE A 132 10.77 -17.46 1.41
N GLU A 133 9.82 -18.40 1.46
CA GLU A 133 8.86 -18.63 0.39
C GLU A 133 8.30 -17.31 -0.10
N ALA A 134 7.98 -16.41 0.83
CA ALA A 134 7.45 -15.11 0.47
C ALA A 134 8.53 -14.13 0.03
N GLY A 135 9.79 -14.56 -0.06
CA GLY A 135 10.82 -13.69 -0.65
C GLY A 135 11.94 -13.21 0.25
N ALA A 136 11.94 -13.65 1.51
CA ALA A 136 12.97 -13.25 2.47
C ALA A 136 14.22 -14.13 2.37
N HIS A 137 15.39 -13.54 2.64
CA HIS A 137 16.72 -14.08 2.26
C HIS A 137 17.60 -14.59 3.40
N ILE A 138 17.35 -14.12 4.62
CA ILE A 138 18.20 -14.40 5.76
C ILE A 138 17.31 -14.76 6.93
N ILE A 139 17.71 -15.73 7.76
CA ILE A 139 16.96 -15.94 8.98
C ILE A 139 17.67 -15.29 10.16
N ASN A 140 16.89 -14.60 10.99
CA ASN A 140 17.44 -13.99 12.19
C ASN A 140 16.83 -14.65 13.41
N ASP A 141 17.52 -15.67 13.96
CA ASP A 141 16.98 -16.42 15.10
C ASP A 141 17.51 -15.94 16.45
N ILE A 142 16.64 -15.33 17.24
CA ILE A 142 16.97 -14.80 18.57
C ILE A 142 17.17 -15.92 19.64
N TRP A 143 16.90 -17.17 19.27
CA TRP A 143 17.16 -18.27 20.18
C TRP A 143 18.29 -19.20 19.73
N GLY A 144 18.84 -18.92 18.53
CA GLY A 144 20.05 -19.61 18.04
C GLY A 144 19.77 -21.08 17.79
N ALA A 145 18.62 -21.34 17.15
CA ALA A 145 18.13 -22.69 16.84
C ALA A 145 17.76 -23.51 18.05
N LYS A 146 17.89 -22.93 19.24
CA LYS A 146 17.62 -23.66 20.48
C LYS A 146 16.12 -23.82 20.81
N ALA A 147 15.31 -22.86 20.37
CA ALA A 147 13.89 -22.89 20.66
C ALA A 147 13.19 -23.92 19.77
N GLU A 148 13.45 -23.84 18.46
CA GLU A 148 12.89 -24.80 17.51
C GLU A 148 13.99 -25.28 16.59
N PRO A 149 14.75 -26.30 17.02
CA PRO A 149 15.90 -26.71 16.21
C PRO A 149 15.52 -26.92 14.75
N LYS A 150 14.25 -27.23 14.52
CA LYS A 150 13.70 -27.38 13.17
C LYS A 150 14.10 -26.21 12.26
N ILE A 151 14.25 -25.04 12.87
CA ILE A 151 14.56 -23.82 12.13
C ILE A 151 15.86 -23.93 11.36
N ALA A 152 16.76 -24.78 11.84
CA ALA A 152 18.05 -24.92 11.20
C ALA A 152 17.89 -25.73 9.93
N GLU A 153 16.94 -26.66 9.95
CA GLU A 153 16.61 -27.49 8.80
C GLU A 153 15.97 -26.65 7.71
N VAL A 154 15.17 -25.68 8.12
CA VAL A 154 14.62 -24.75 7.17
C VAL A 154 15.79 -23.95 6.61
N ALA A 155 16.67 -23.49 7.48
CA ALA A 155 17.86 -22.79 7.04
C ALA A 155 18.65 -23.70 6.12
N ALA A 156 18.73 -24.98 6.48
CA ALA A 156 19.42 -25.97 5.64
C ALA A 156 18.82 -25.95 4.25
N HIS A 157 17.54 -26.30 4.17
CA HIS A 157 16.89 -26.53 2.87
C HIS A 157 17.04 -25.38 1.91
N TYR A 158 16.51 -24.22 2.26
CA TYR A 158 16.51 -23.04 1.38
C TYR A 158 17.88 -22.41 1.20
N ASP A 159 18.87 -22.93 1.95
CA ASP A 159 20.26 -22.54 1.79
C ASP A 159 20.50 -21.05 2.04
N VAL A 160 19.87 -20.53 3.07
CA VAL A 160 20.00 -19.11 3.40
C VAL A 160 20.99 -18.86 4.53
N PRO A 161 21.45 -17.64 4.63
CA PRO A 161 22.21 -17.34 5.84
C PRO A 161 21.30 -17.30 7.07
N ILE A 162 21.78 -17.84 8.18
CA ILE A 162 21.04 -17.77 9.43
C ILE A 162 21.86 -17.07 10.47
N ILE A 163 21.24 -16.18 11.22
CA ILE A 163 21.93 -15.46 12.29
C ILE A 163 21.60 -16.17 13.58
N LEU A 164 22.62 -16.69 14.25
CA LEU A 164 22.45 -17.39 15.51
C LEU A 164 22.80 -16.48 16.68
N MET A 165 21.81 -16.13 17.48
CA MET A 165 22.05 -15.19 18.58
C MET A 165 22.30 -15.92 19.88
N HIS A 166 23.23 -15.39 20.67
CA HIS A 166 23.36 -15.88 22.02
C HIS A 166 22.10 -15.54 22.82
N ASN A 167 21.56 -16.55 23.49
CA ASN A 167 20.45 -16.41 24.39
C ASN A 167 20.46 -17.62 25.33
N ARG A 168 19.77 -17.49 26.46
CA ARG A 168 19.57 -18.60 27.39
C ARG A 168 18.47 -18.25 28.36
N ASP A 169 17.94 -19.27 29.03
CA ASP A 169 16.74 -19.12 29.83
C ASP A 169 17.02 -18.78 31.29
N ASN A 170 18.27 -18.45 31.58
CA ASN A 170 18.69 -18.16 32.95
C ASN A 170 19.89 -17.22 32.90
N MET A 171 20.36 -16.72 34.05
CA MET A 171 21.53 -15.81 34.08
C MET A 171 22.73 -16.37 34.89
N ASN A 172 22.78 -17.69 35.07
CA ASN A 172 23.91 -18.34 35.74
C ASN A 172 25.15 -18.35 34.87
N TYR A 173 26.03 -17.36 35.02
CA TYR A 173 27.27 -17.40 34.27
C TYR A 173 28.48 -17.61 35.18
N ARG A 174 29.20 -18.72 34.97
CA ARG A 174 30.52 -18.89 35.58
C ARG A 174 31.46 -17.79 35.09
N ASN A 175 31.60 -17.71 33.77
CA ASN A 175 32.45 -16.73 33.09
C ASN A 175 31.74 -16.31 31.80
N LEU A 176 31.40 -15.02 31.74
CA LEU A 176 30.44 -14.55 30.77
C LEU A 176 30.82 -14.89 29.35
N MET A 177 32.00 -14.44 28.95
CA MET A 177 32.47 -14.63 27.60
C MET A 177 32.70 -16.10 27.26
N ALA A 178 33.36 -16.82 28.15
CA ALA A 178 33.55 -18.24 27.93
C ALA A 178 32.21 -18.95 27.80
N ASP A 179 31.23 -18.60 28.63
CA ASP A 179 29.93 -19.26 28.56
C ASP A 179 29.17 -18.82 27.33
N MET A 180 29.39 -17.59 26.88
CA MET A 180 28.69 -17.09 25.71
C MET A 180 29.17 -17.86 24.50
N ILE A 181 30.48 -17.96 24.38
CA ILE A 181 31.13 -18.68 23.31
C ILE A 181 30.71 -20.14 23.30
N ALA A 182 30.66 -20.79 24.46
CA ALA A 182 30.15 -22.15 24.55
C ALA A 182 28.74 -22.26 23.97
N ASP A 183 27.84 -21.35 24.36
CA ASP A 183 26.44 -21.44 23.94
C ASP A 183 26.30 -21.23 22.45
N LEU A 184 27.05 -20.25 21.96
CA LEU A 184 27.12 -19.99 20.55
C LEU A 184 27.56 -21.25 19.83
N TYR A 185 28.60 -21.94 20.32
CA TYR A 185 28.99 -23.17 19.64
CA TYR A 185 29.02 -23.21 19.72
C TYR A 185 27.90 -24.23 19.71
N ASP A 186 27.22 -24.39 20.84
CA ASP A 186 26.13 -25.35 20.88
C ASP A 186 25.12 -25.04 19.80
N SER A 187 24.94 -23.75 19.52
CA SER A 187 24.06 -23.35 18.43
C SER A 187 24.63 -23.72 17.09
N ILE A 188 25.92 -23.50 16.90
CA ILE A 188 26.51 -23.76 15.59
C ILE A 188 26.41 -25.24 15.27
N LYS A 189 26.49 -26.05 16.33
CA LYS A 189 26.43 -27.50 16.23
C LYS A 189 25.08 -27.90 15.68
N ILE A 190 24.01 -27.42 16.31
CA ILE A 190 22.65 -27.71 15.85
C ILE A 190 22.52 -27.31 14.38
N ALA A 191 23.02 -26.11 14.05
CA ALA A 191 23.01 -25.63 12.67
C ALA A 191 23.72 -26.61 11.76
N LYS A 192 24.98 -26.90 12.08
CA LYS A 192 25.76 -27.75 11.22
C LYS A 192 25.17 -29.15 11.04
N ASP A 193 24.68 -29.74 12.12
CA ASP A 193 24.17 -31.09 12.07
C ASP A 193 22.95 -31.17 11.17
N ALA A 194 22.22 -30.07 11.08
CA ALA A 194 21.02 -30.03 10.23
C ALA A 194 21.34 -29.77 8.75
N GLY A 195 22.51 -29.22 8.46
CA GLY A 195 22.97 -29.10 7.08
C GLY A 195 23.57 -27.76 6.70
N VAL A 196 23.43 -26.77 7.58
CA VAL A 196 23.91 -25.42 7.29
C VAL A 196 25.42 -25.37 7.03
N ARG A 197 25.80 -24.74 5.93
CA ARG A 197 27.23 -24.53 5.61
C ARG A 197 27.84 -23.41 6.47
N ASP A 198 29.15 -23.46 6.67
CA ASP A 198 29.81 -22.45 7.47
C ASP A 198 29.53 -21.03 6.99
N GLU A 199 29.44 -20.88 5.67
CA GLU A 199 29.30 -19.58 5.04
C GLU A 199 27.91 -19.07 5.14
N ASN A 200 27.05 -19.83 5.78
CA ASN A 200 25.71 -19.35 6.01
C ASN A 200 25.46 -19.02 7.48
N ILE A 201 26.53 -18.80 8.24
CA ILE A 201 26.35 -18.63 9.67
C ILE A 201 26.88 -17.30 10.14
N ILE A 202 26.03 -16.59 10.85
CA ILE A 202 26.40 -15.32 11.42
C ILE A 202 26.16 -15.43 12.91
N LEU A 203 27.01 -14.80 13.70
CA LEU A 203 26.92 -14.91 15.13
C LEU A 203 26.53 -13.56 15.69
N ASP A 204 25.91 -13.58 16.87
CA ASP A 204 25.42 -12.41 17.55
C ASP A 204 25.55 -12.61 19.06
N PRO A 205 26.19 -11.67 19.75
CA PRO A 205 26.31 -11.81 21.20
C PRO A 205 24.98 -11.69 21.96
N GLY A 206 23.89 -11.33 21.30
CA GLY A 206 22.64 -11.15 22.04
C GLY A 206 22.68 -10.16 23.20
N ILE A 207 23.25 -8.99 22.97
CA ILE A 207 23.20 -7.84 23.90
C ILE A 207 21.75 -7.49 24.23
N GLY A 208 21.44 -7.38 25.51
CA GLY A 208 20.08 -7.18 25.94
C GLY A 208 19.33 -8.48 26.19
N PHE A 209 19.97 -9.61 26.00
CA PHE A 209 19.34 -10.87 26.34
C PHE A 209 20.02 -11.61 27.50
N ALA A 210 19.24 -11.92 28.53
CA ALA A 210 19.73 -12.69 29.70
C ALA A 210 21.11 -12.22 30.16
N LYS A 211 21.29 -10.91 30.21
CA LYS A 211 22.53 -10.31 30.65
C LYS A 211 22.10 -9.13 31.46
N THR A 212 22.65 -9.00 32.66
CA THR A 212 22.47 -7.81 33.47
C THR A 212 23.08 -6.63 32.70
N PRO A 213 22.77 -5.36 33.10
CA PRO A 213 23.37 -4.19 32.44
C PRO A 213 24.87 -4.27 32.51
N GLU A 214 25.36 -4.86 33.61
CA GLU A 214 26.80 -5.04 33.78
C GLU A 214 27.40 -6.09 32.83
N GLN A 215 26.73 -7.22 32.69
CA GLN A 215 27.20 -8.21 31.75
C GLN A 215 27.15 -7.68 30.33
N ASN A 216 26.07 -6.97 29.99
CA ASN A 216 25.90 -6.33 28.68
C ASN A 216 27.09 -5.48 28.31
N LEU A 217 27.51 -4.63 29.25
CA LEU A 217 28.75 -3.88 29.13
C LEU A 217 29.96 -4.80 28.95
N GLU A 218 30.11 -5.80 29.82
CA GLU A 218 31.25 -6.67 29.74
C GLU A 218 31.36 -7.29 28.33
N ALA A 219 30.21 -7.67 27.78
CA ALA A 219 30.16 -8.41 26.55
C ALA A 219 30.59 -7.48 25.42
N MET A 220 30.14 -6.24 25.46
CA MET A 220 30.65 -5.16 24.63
C MET A 220 32.16 -5.00 24.72
N ARG A 221 32.69 -4.96 25.95
CA ARG A 221 34.09 -4.69 26.20
C ARG A 221 34.97 -5.82 25.67
N ASN A 222 34.35 -6.99 25.45
CA ASN A 222 35.07 -8.21 25.13
C ASN A 222 34.60 -8.85 23.82
N LEU A 223 33.78 -8.10 23.07
CA LEU A 223 33.25 -8.57 21.79
C LEU A 223 34.28 -9.27 20.93
N GLU A 224 35.47 -8.69 20.84
CA GLU A 224 36.53 -9.20 20.00
C GLU A 224 36.75 -10.71 20.10
N GLN A 225 36.49 -11.28 21.27
CA GLN A 225 36.67 -12.69 21.48
C GLN A 225 35.81 -13.54 20.54
N LEU A 226 34.64 -13.06 20.16
CA LEU A 226 33.79 -13.86 19.30
C LEU A 226 34.44 -14.10 17.96
N ASN A 227 35.38 -13.25 17.60
CA ASN A 227 36.05 -13.37 16.32
C ASN A 227 36.82 -14.66 16.14
N VAL A 228 37.32 -15.24 17.22
CA VAL A 228 38.04 -16.47 17.11
C VAL A 228 37.16 -17.63 16.71
N LEU A 229 35.86 -17.46 16.72
CA LEU A 229 35.01 -18.53 16.24
C LEU A 229 35.04 -18.65 14.72
N GLY A 230 35.49 -17.61 14.04
CA GLY A 230 35.60 -17.59 12.58
C GLY A 230 34.33 -17.30 11.79
N TYR A 231 33.39 -16.59 12.39
CA TYR A 231 32.18 -16.26 11.70
C TYR A 231 32.00 -14.76 11.76
N PRO A 232 31.32 -14.22 10.76
CA PRO A 232 30.86 -12.84 10.82
C PRO A 232 29.99 -12.66 12.06
N VAL A 233 30.19 -11.53 12.73
CA VAL A 233 29.38 -11.18 13.88
C VAL A 233 28.47 -9.98 13.65
N LEU A 234 27.21 -10.13 14.06
CA LEU A 234 26.25 -9.07 13.97
C LEU A 234 25.93 -8.54 15.37
N LEU A 235 25.80 -7.23 15.47
CA LEU A 235 25.56 -6.62 16.75
C LEU A 235 24.19 -5.94 16.79
N GLY A 236 23.42 -6.17 17.85
CA GLY A 236 22.09 -5.60 17.98
C GLY A 236 21.98 -4.89 19.31
N THR A 237 22.22 -3.59 19.32
CA THR A 237 22.24 -2.84 20.57
C THR A 237 21.35 -1.61 20.46
N SER A 238 20.80 -1.40 19.27
CA SER A 238 20.01 -0.20 19.00
C SER A 238 18.93 -0.01 20.02
N ARG A 239 19.02 1.12 20.69
CA ARG A 239 18.03 1.62 21.66
C ARG A 239 17.82 0.83 22.93
N LYS A 240 18.67 -0.17 23.15
CA LYS A 240 18.39 -1.12 24.19
C LYS A 240 18.46 -0.50 25.56
N SER A 241 17.73 -1.11 26.47
CA SER A 241 17.68 -0.71 27.87
C SER A 241 19.01 -0.48 28.58
N PHE A 242 20.04 -1.27 28.29
CA PHE A 242 21.32 -1.09 29.01
C PHE A 242 21.98 0.26 28.72
N ILE A 243 21.72 0.79 27.52
CA ILE A 243 22.06 2.17 27.20
C ILE A 243 21.29 3.15 28.07
N GLY A 244 19.98 2.88 28.23
CA GLY A 244 19.13 3.61 29.15
C GLY A 244 19.74 3.62 30.54
N HIS A 245 20.17 2.45 31.04
CA HIS A 245 20.64 2.34 32.42
C HIS A 245 21.91 3.13 32.67
N VAL A 246 22.80 3.12 31.69
CA VAL A 246 24.05 3.84 31.83
C VAL A 246 23.81 5.33 31.77
N LEU A 247 23.08 5.76 30.75
CA LEU A 247 22.96 7.17 30.38
C LEU A 247 21.84 7.79 31.17
N ASP A 248 21.02 6.91 31.73
CA ASP A 248 19.79 7.29 32.41
C ASP A 248 18.92 8.14 31.46
N LEU A 249 18.39 7.49 30.42
CA LEU A 249 17.64 8.17 29.36
C LEU A 249 16.56 7.28 28.72
N PRO A 250 15.37 7.83 28.43
CA PRO A 250 14.35 6.97 27.84
C PRO A 250 14.67 6.54 26.41
N VAL A 251 13.95 5.52 25.95
CA VAL A 251 14.17 4.85 24.64
C VAL A 251 14.31 5.78 23.44
N GLU A 252 13.60 6.89 23.43
CA GLU A 252 13.70 7.83 22.32
C GLU A 252 14.85 8.81 22.44
N GLU A 253 15.69 8.67 23.47
CA GLU A 253 16.90 9.50 23.61
C GLU A 253 18.21 8.70 23.70
N ARG A 254 18.33 7.64 22.90
CA ARG A 254 19.47 6.70 22.99
C ARG A 254 20.25 6.59 21.69
N LEU A 255 20.18 7.65 20.89
CA LEU A 255 20.90 7.69 19.64
C LEU A 255 22.39 7.76 19.90
N GLU A 256 22.85 8.73 20.68
CA GLU A 256 24.26 8.81 21.05
C GLU A 256 24.76 7.54 21.75
N GLY A 257 23.98 7.00 22.67
CA GLY A 257 24.35 5.76 23.32
C GLY A 257 24.48 4.69 22.28
N THR A 258 23.42 4.49 21.51
CA THR A 258 23.48 3.49 20.46
C THR A 258 24.72 3.71 19.63
N GLY A 259 24.91 4.93 19.15
CA GLY A 259 26.08 5.30 18.37
C GLY A 259 27.34 4.71 18.93
N ALA A 260 27.61 5.05 20.18
CA ALA A 260 28.77 4.59 20.91
C ALA A 260 28.94 3.10 20.86
N THR A 261 27.86 2.35 21.00
CA THR A 261 27.95 0.91 20.98
C THR A 261 28.34 0.45 19.56
N VAL A 262 27.72 1.06 18.58
CA VAL A 262 28.02 0.70 17.19
C VAL A 262 29.49 0.95 16.88
N CYS A 263 30.03 2.05 17.43
CA CYS A 263 31.43 2.36 17.15
C CYS A 263 32.34 1.31 17.75
N LEU A 264 32.08 0.96 19.01
CA LEU A 264 32.95 0.01 19.71
C LEU A 264 32.77 -1.35 19.10
N GLY A 265 31.53 -1.70 18.78
CA GLY A 265 31.26 -2.93 18.07
C GLY A 265 32.03 -3.07 16.80
N ILE A 266 32.14 -1.99 16.02
CA ILE A 266 32.91 -2.02 14.73
C ILE A 266 34.40 -2.08 15.04
N GLU A 267 34.88 -1.30 16.00
CA GLU A 267 36.29 -1.35 16.38
C GLU A 267 36.66 -2.75 16.87
N LYS A 268 35.71 -3.42 17.50
CA LYS A 268 35.90 -4.78 17.96
C LYS A 268 35.75 -5.81 16.89
N GLY A 269 35.48 -5.39 15.65
CA GLY A 269 35.45 -6.32 14.51
C GLY A 269 34.11 -6.81 14.02
N CYS A 270 33.01 -6.18 14.38
CA CYS A 270 31.73 -6.62 13.83
C CYS A 270 31.55 -6.34 12.34
N GLU A 271 30.72 -7.16 11.73
CA GLU A 271 30.47 -6.98 10.34
C GLU A 271 29.03 -6.51 10.01
N PHE A 272 28.14 -6.61 11.00
CA PHE A 272 26.79 -6.15 10.80
C PHE A 272 26.39 -5.41 12.03
N VAL A 273 25.54 -4.40 11.85
CA VAL A 273 24.88 -3.79 12.98
C VAL A 273 23.36 -3.67 12.71
N ARG A 274 22.54 -3.97 13.72
CA ARG A 274 21.10 -4.03 13.53
C ARG A 274 20.45 -2.86 14.28
N VAL A 275 20.02 -1.85 13.52
CA VAL A 275 19.70 -0.52 14.13
C VAL A 275 18.42 0.11 13.65
N HIS A 276 17.88 1.01 14.48
CA HIS A 276 16.67 1.76 14.17
C HIS A 276 16.98 3.03 13.42
N ASP A 277 18.09 3.70 13.78
CA ASP A 277 18.40 5.00 13.18
C ASP A 277 19.38 4.89 12.01
N VAL A 278 18.87 4.30 10.92
CA VAL A 278 19.70 3.97 9.80
C VAL A 278 20.50 5.17 9.29
N LYS A 279 19.88 6.32 9.08
CA LYS A 279 20.64 7.47 8.59
C LYS A 279 21.88 7.77 9.43
N GLU A 280 21.68 7.89 10.73
CA GLU A 280 22.72 8.35 11.63
C GLU A 280 23.78 7.30 11.75
N MET A 281 23.33 6.08 12.05
CA MET A 281 24.22 4.97 12.24
C MET A 281 25.08 4.71 11.01
N SER A 282 24.50 4.88 9.81
CA SER A 282 25.23 4.66 8.56
C SER A 282 26.43 5.57 8.39
N ARG A 283 26.26 6.85 8.73
CA ARG A 283 27.39 7.76 8.71
C ARG A 283 28.43 7.35 9.77
N MET A 284 28.00 6.97 10.97
CA MET A 284 28.99 6.55 11.94
C MET A 284 29.72 5.32 11.47
N ALA A 285 29.00 4.34 10.95
CA ALA A 285 29.66 3.14 10.46
C ALA A 285 30.66 3.51 9.36
N LYS A 286 30.26 4.44 8.49
CA LYS A 286 31.14 4.89 7.44
C LYS A 286 32.41 5.57 8.01
N MET A 287 32.26 6.33 9.10
CA MET A 287 33.43 7.01 9.62
C MET A 287 34.41 6.05 10.27
N MET A 288 33.88 5.09 11.05
CA MET A 288 34.69 3.97 11.57
C MET A 288 35.39 3.22 10.44
N ASP A 289 34.65 2.74 9.44
CA ASP A 289 35.30 2.01 8.35
C ASP A 289 36.54 2.74 7.81
N ALA A 290 36.42 4.02 7.53
CA ALA A 290 37.59 4.80 7.16
C ALA A 290 38.65 4.74 8.21
N MET A 291 38.31 4.84 9.49
CA MET A 291 39.36 4.91 10.45
C MET A 291 39.98 3.55 10.64
N ILE A 292 39.17 2.50 10.71
CA ILE A 292 39.79 1.21 11.00
C ILE A 292 40.39 0.58 9.74
N GLY A 293 40.13 1.22 8.60
CA GLY A 293 40.69 0.83 7.31
C GLY A 293 39.93 -0.33 6.71
N LYS A 294 38.60 -0.28 6.65
CA LYS A 294 37.84 -1.42 6.13
C LYS A 294 37.71 -1.40 4.61
N LYS B 22 -21.24 31.28 -19.57
CA LYS B 22 -22.06 30.10 -20.01
C LYS B 22 -22.64 29.28 -18.84
N TRP B 23 -21.83 28.94 -17.84
CA TRP B 23 -22.34 28.42 -16.54
C TRP B 23 -22.03 29.48 -15.49
N ASP B 24 -23.03 30.02 -14.82
CA ASP B 24 -22.73 31.13 -13.93
C ASP B 24 -22.31 30.69 -12.51
N TYR B 25 -21.74 29.49 -12.44
CA TYR B 25 -21.31 28.89 -11.19
C TYR B 25 -20.30 27.77 -11.38
N ASP B 26 -19.49 27.53 -10.36
CA ASP B 26 -18.52 26.44 -10.33
C ASP B 26 -19.09 25.28 -9.54
N LEU B 27 -18.55 24.09 -9.79
CA LEU B 27 -18.94 22.93 -9.04
C LEU B 27 -18.11 22.85 -7.76
N ARG B 28 -18.81 23.00 -6.65
CA ARG B 28 -18.17 23.13 -5.36
C ARG B 28 -18.11 21.78 -4.67
N CYS B 29 -16.92 21.19 -4.65
CA CYS B 29 -16.78 19.78 -4.29
C CYS B 29 -16.46 19.54 -2.83
N GLY B 30 -15.40 20.21 -2.39
CA GLY B 30 -15.01 20.26 -1.00
C GLY B 30 -13.81 21.17 -1.00
N GLU B 31 -12.63 20.59 -0.82
CA GLU B 31 -11.39 21.34 -1.08
C GLU B 31 -11.19 21.62 -2.58
N TYR B 32 -11.83 20.87 -3.46
CA TYR B 32 -11.63 21.11 -4.88
C TYR B 32 -12.81 21.88 -5.47
N THR B 33 -12.51 22.70 -6.46
CA THR B 33 -13.53 23.41 -7.19
C THR B 33 -13.28 23.23 -8.67
N LEU B 34 -14.31 22.74 -9.37
CA LEU B 34 -14.24 22.52 -10.80
C LEU B 34 -14.96 23.62 -11.57
N ASN B 35 -14.25 24.19 -12.54
CA ASN B 35 -14.77 25.21 -13.43
C ASN B 35 -15.52 24.52 -14.57
N LEU B 36 -16.80 24.85 -14.77
CA LEU B 36 -17.59 24.15 -15.77
C LEU B 36 -17.54 24.74 -17.18
N ASN B 37 -16.78 25.82 -17.37
CA ASN B 37 -16.84 26.56 -18.64
C ASN B 37 -15.61 26.46 -19.49
N GLU B 38 -14.53 26.03 -18.87
CA GLU B 38 -13.22 26.29 -19.39
C GLU B 38 -12.75 25.13 -20.24
N LYS B 39 -13.01 23.91 -19.76
CA LYS B 39 -12.80 22.74 -20.58
C LYS B 39 -13.74 21.62 -20.21
N THR B 40 -13.90 20.68 -21.11
CA THR B 40 -14.55 19.45 -20.80
C THR B 40 -13.83 18.70 -19.69
N LEU B 41 -14.58 18.32 -18.65
CA LEU B 41 -14.05 17.59 -17.49
C LEU B 41 -14.01 16.07 -17.64
N ILE B 42 -12.85 15.51 -17.35
CA ILE B 42 -12.60 14.10 -17.58
C ILE B 42 -12.71 13.30 -16.29
N MET B 43 -13.69 12.40 -16.26
CA MET B 43 -13.83 11.51 -15.12
C MET B 43 -13.27 10.16 -15.50
N GLY B 44 -12.30 9.67 -14.75
CA GLY B 44 -11.63 8.42 -15.05
C GLY B 44 -12.18 7.30 -14.22
N ILE B 45 -12.19 6.13 -14.80
CA ILE B 45 -12.81 4.97 -14.18
C ILE B 45 -11.82 4.17 -13.33
N LEU B 46 -12.26 3.87 -12.11
CA LEU B 46 -11.55 3.00 -11.20
C LEU B 46 -12.48 1.93 -10.59
N ASN B 47 -12.46 0.73 -11.15
CA ASN B 47 -13.31 -0.36 -10.67
C ASN B 47 -12.66 -1.21 -9.61
N VAL B 48 -13.48 -1.65 -8.66
CA VAL B 48 -13.08 -2.57 -7.60
C VAL B 48 -13.89 -3.87 -7.74
N THR B 49 -13.18 -4.98 -7.95
CA THR B 49 -13.78 -6.23 -8.45
C THR B 49 -13.04 -7.47 -7.89
N PRO B 50 -13.79 -8.54 -7.52
CA PRO B 50 -13.19 -9.84 -7.21
C PRO B 50 -12.02 -10.20 -8.13
N ASP B 55 -11.21 -11.00 -0.63
CA ASP B 55 -11.96 -11.06 0.61
C ASP B 55 -12.15 -9.68 1.27
N GLY B 56 -11.19 -8.76 1.07
CA GLY B 56 -11.35 -7.39 1.56
C GLY B 56 -10.50 -6.35 0.84
N GLY B 57 -10.02 -5.36 1.60
CA GLY B 57 -9.03 -4.38 1.09
C GLY B 57 -7.55 -4.68 1.40
N SER B 58 -7.05 -5.83 0.94
CA SER B 58 -5.62 -6.14 1.10
C SER B 58 -4.81 -5.10 0.33
N TYR B 59 -3.53 -4.97 0.73
CA TYR B 59 -2.61 -3.96 0.21
C TYR B 59 -2.53 -3.95 -1.32
N ASN B 60 -2.49 -5.17 -1.89
CA ASN B 60 -2.43 -5.33 -3.32
C ASN B 60 -3.49 -4.56 -4.07
N GLU B 61 -4.74 -4.77 -3.71
CA GLU B 61 -5.79 -4.19 -4.51
C GLU B 61 -5.93 -2.70 -4.27
N VAL B 62 -5.61 -2.23 -3.06
CA VAL B 62 -5.62 -0.80 -2.78
C VAL B 62 -4.42 -0.14 -3.45
N ASP B 63 -3.29 -0.82 -3.40
CA ASP B 63 -2.10 -0.25 -3.98
C ASP B 63 -2.30 -0.08 -5.49
N ALA B 64 -2.87 -1.10 -6.13
CA ALA B 64 -3.04 -1.09 -7.58
C ALA B 64 -3.91 0.09 -7.99
N ALA B 65 -4.92 0.34 -7.16
CA ALA B 65 -5.85 1.43 -7.35
C ALA B 65 -5.22 2.82 -7.20
N VAL B 66 -4.27 2.98 -6.29
CA VAL B 66 -3.59 4.27 -6.14
C VAL B 66 -2.71 4.56 -7.36
N ARG B 67 -1.92 3.57 -7.78
CA ARG B 67 -1.07 3.72 -8.97
C ARG B 67 -1.92 4.07 -10.18
N HIS B 68 -3.03 3.36 -10.36
CA HIS B 68 -3.91 3.62 -11.49
C HIS B 68 -4.45 5.07 -11.42
N ALA B 69 -4.96 5.47 -10.25
CA ALA B 69 -5.40 6.84 -10.03
C ALA B 69 -4.27 7.86 -10.25
N LYS B 70 -3.07 7.55 -9.74
CA LYS B 70 -1.94 8.44 -9.96
C LYS B 70 -1.73 8.61 -11.45
N GLU B 71 -1.89 7.52 -12.19
CA GLU B 71 -1.61 7.59 -13.61
C GLU B 71 -2.66 8.41 -14.29
N MET B 72 -3.93 8.21 -13.91
CA MET B 72 -5.02 9.00 -14.46
C MET B 72 -4.80 10.49 -14.23
N ARG B 73 -4.54 10.89 -12.98
CA ARG B 73 -4.18 12.29 -12.70
C ARG B 73 -3.14 12.82 -13.71
N ASP B 74 -2.07 12.05 -13.92
CA ASP B 74 -1.02 12.43 -14.87
C ASP B 74 -1.50 12.52 -16.31
N GLU B 75 -2.47 11.67 -16.65
CA GLU B 75 -2.91 11.50 -18.03
C GLU B 75 -3.96 12.57 -18.43
N GLY B 76 -4.57 13.21 -17.43
CA GLY B 76 -5.43 14.36 -17.67
C GLY B 76 -6.81 14.32 -17.04
N ALA B 77 -7.02 13.40 -16.11
CA ALA B 77 -8.28 13.25 -15.41
C ALA B 77 -8.45 14.34 -14.38
N HIS B 78 -9.69 14.80 -14.24
CA HIS B 78 -10.06 15.86 -13.32
C HIS B 78 -10.87 15.34 -12.14
N ILE B 79 -11.51 14.18 -12.32
CA ILE B 79 -12.24 13.46 -11.26
C ILE B 79 -11.89 11.97 -11.34
N ILE B 80 -11.85 11.28 -10.19
CA ILE B 80 -11.72 9.82 -10.20
C ILE B 80 -13.03 9.17 -9.77
N ASP B 81 -13.58 8.30 -10.61
CA ASP B 81 -14.80 7.60 -10.27
C ASP B 81 -14.50 6.24 -9.67
N ILE B 82 -14.76 6.07 -8.39
CA ILE B 82 -14.51 4.77 -7.77
C ILE B 82 -15.83 4.03 -7.52
N GLY B 83 -15.92 2.80 -8.00
CA GLY B 83 -17.17 2.06 -7.87
C GLY B 83 -16.98 0.57 -7.83
N GLY B 84 -17.75 -0.08 -6.96
CA GLY B 84 -17.62 -1.53 -6.74
C GLY B 84 -18.86 -2.37 -7.06
N GLU B 85 -19.86 -1.76 -7.71
CA GLU B 85 -21.09 -2.48 -8.08
C GLU B 85 -21.04 -2.95 -9.56
N SER B 86 -19.81 -3.12 -10.05
CA SER B 86 -19.55 -3.45 -11.46
C SER B 86 -20.25 -4.75 -11.93
N THR B 87 -21.05 -4.67 -13.00
CA THR B 87 -21.70 -5.87 -13.57
C THR B 87 -20.91 -6.51 -14.70
N SER B 95 -23.77 -7.96 -1.49
CA SER B 95 -23.61 -7.67 -0.07
C SER B 95 -23.31 -6.19 0.14
N VAL B 96 -24.17 -5.50 0.88
CA VAL B 96 -23.98 -4.07 1.17
C VAL B 96 -22.81 -3.80 2.15
N GLU B 97 -22.64 -4.69 3.13
CA GLU B 97 -21.51 -4.61 4.09
C GLU B 97 -20.15 -4.73 3.38
N GLU B 98 -20.08 -5.63 2.41
CA GLU B 98 -18.85 -5.87 1.66
C GLU B 98 -18.49 -4.69 0.78
N GLU B 99 -19.49 -4.12 0.10
CA GLU B 99 -19.27 -2.96 -0.79
C GLU B 99 -18.55 -1.89 0.01
N ILE B 100 -19.10 -1.57 1.19
CA ILE B 100 -18.46 -0.60 2.09
C ILE B 100 -17.02 -1.04 2.42
N LYS B 101 -16.87 -2.29 2.88
CA LYS B 101 -15.58 -2.88 3.24
C LYS B 101 -14.54 -2.82 2.10
N ARG B 102 -15.01 -2.96 0.86
CA ARG B 102 -14.17 -2.83 -0.32
C ARG B 102 -13.83 -1.39 -0.62
N VAL B 103 -14.86 -0.60 -0.88
CA VAL B 103 -14.66 0.72 -1.50
C VAL B 103 -14.08 1.78 -0.58
N VAL B 104 -14.38 1.72 0.72
CA VAL B 104 -13.89 2.71 1.69
C VAL B 104 -12.35 2.85 1.73
N PRO B 105 -11.61 1.73 1.97
CA PRO B 105 -10.14 1.86 1.97
C PRO B 105 -9.58 2.49 0.69
N MET B 106 -10.21 2.21 -0.44
CA MET B 106 -9.90 2.86 -1.71
C MET B 106 -9.98 4.38 -1.64
N ILE B 107 -11.17 4.90 -1.30
CA ILE B 107 -11.36 6.34 -1.20
C ILE B 107 -10.30 6.94 -0.28
N GLN B 108 -10.12 6.31 0.88
CA GLN B 108 -9.18 6.80 1.87
C GLN B 108 -7.79 6.97 1.25
N ALA B 109 -7.32 5.93 0.58
CA ALA B 109 -5.98 5.94 -0.03
C ALA B 109 -5.90 7.02 -1.10
N VAL B 110 -6.76 6.88 -2.10
CA VAL B 110 -6.78 7.75 -3.25
C VAL B 110 -6.89 9.24 -2.87
N SER B 111 -7.83 9.59 -1.98
CA SER B 111 -8.01 10.99 -1.61
C SER B 111 -6.82 11.53 -0.85
N LYS B 112 -6.13 10.64 -0.14
CA LYS B 112 -4.97 11.02 0.61
C LYS B 112 -3.85 11.39 -0.36
N GLU B 113 -3.73 10.63 -1.44
CA GLU B 113 -2.50 10.64 -2.20
C GLU B 113 -2.61 11.27 -3.54
N VAL B 114 -3.85 11.45 -4.01
CA VAL B 114 -4.16 11.96 -5.36
C VAL B 114 -5.12 13.11 -5.19
N LYS B 115 -4.62 14.31 -5.45
CA LYS B 115 -5.37 15.52 -5.13
C LYS B 115 -6.34 15.84 -6.23
N LEU B 116 -7.55 15.29 -6.14
CA LEU B 116 -8.47 15.24 -7.28
C LEU B 116 -9.79 14.78 -6.68
N PRO B 117 -10.90 15.42 -7.05
CA PRO B 117 -12.15 14.99 -6.40
C PRO B 117 -12.53 13.56 -6.74
N ILE B 118 -13.15 12.89 -5.78
CA ILE B 118 -13.53 11.51 -6.03
C ILE B 118 -15.02 11.42 -6.02
N SER B 119 -15.55 10.72 -7.03
CA SER B 119 -16.96 10.35 -7.03
C SER B 119 -17.07 8.89 -6.64
N ILE B 120 -18.02 8.62 -5.75
CA ILE B 120 -18.38 7.25 -5.42
C ILE B 120 -19.49 6.78 -6.36
N ASP B 121 -19.15 5.80 -7.20
CA ASP B 121 -20.07 5.22 -8.18
C ASP B 121 -20.89 4.16 -7.50
N THR B 122 -21.97 4.59 -6.84
CA THR B 122 -22.90 3.68 -6.15
C THR B 122 -24.34 4.06 -6.41
N TYR B 123 -25.27 3.16 -6.06
CA TYR B 123 -26.70 3.50 -6.10
C TYR B 123 -27.38 3.40 -4.74
N LYS B 124 -26.65 2.87 -3.76
CA LYS B 124 -27.18 2.65 -2.42
C LYS B 124 -26.83 3.81 -1.50
N ALA B 125 -27.78 4.20 -0.65
CA ALA B 125 -27.61 5.37 0.23
C ALA B 125 -26.58 5.12 1.33
N GLU B 126 -26.64 3.94 1.94
CA GLU B 126 -25.71 3.64 3.01
C GLU B 126 -24.26 3.69 2.52
N VAL B 127 -24.03 3.26 1.28
CA VAL B 127 -22.70 3.31 0.66
C VAL B 127 -22.27 4.75 0.40
N ALA B 128 -23.14 5.50 -0.27
CA ALA B 128 -22.90 6.91 -0.54
C ALA B 128 -22.40 7.64 0.69
N LYS B 129 -23.16 7.56 1.77
CA LYS B 129 -22.82 8.21 3.01
C LYS B 129 -21.38 7.88 3.40
N GLN B 130 -21.10 6.60 3.63
CA GLN B 130 -19.77 6.17 4.10
C GLN B 130 -18.64 6.68 3.20
N ALA B 131 -18.85 6.60 1.88
CA ALA B 131 -17.80 6.99 0.94
C ALA B 131 -17.39 8.44 1.15
N ILE B 132 -18.39 9.28 1.39
CA ILE B 132 -18.18 10.70 1.64
C ILE B 132 -17.52 10.94 2.99
N GLU B 133 -17.96 10.24 4.04
CA GLU B 133 -17.26 10.29 5.31
C GLU B 133 -15.80 9.83 5.16
N ALA B 134 -15.58 8.82 4.32
CA ALA B 134 -14.25 8.37 3.92
C ALA B 134 -13.46 9.32 2.99
N GLY B 135 -14.09 10.35 2.41
CA GLY B 135 -13.34 11.33 1.62
C GLY B 135 -13.84 11.61 0.21
N ALA B 136 -14.91 10.91 -0.20
CA ALA B 136 -15.51 11.15 -1.51
C ALA B 136 -16.22 12.49 -1.55
N HIS B 137 -16.25 13.11 -2.73
CA HIS B 137 -16.79 14.48 -2.96
C HIS B 137 -18.07 14.57 -3.78
N ILE B 138 -18.31 13.58 -4.63
CA ILE B 138 -19.38 13.59 -5.58
C ILE B 138 -20.09 12.26 -5.48
N ILE B 139 -21.40 12.26 -5.59
CA ILE B 139 -22.11 11.00 -5.66
C ILE B 139 -22.43 10.77 -7.12
N ASN B 140 -22.18 9.55 -7.57
CA ASN B 140 -22.50 9.19 -8.92
C ASN B 140 -23.55 8.10 -8.87
N ASP B 141 -24.83 8.48 -8.90
CA ASP B 141 -25.94 7.50 -8.84
C ASP B 141 -26.38 7.09 -10.22
N ILE B 142 -26.49 5.77 -10.42
CA ILE B 142 -26.86 5.18 -11.73
C ILE B 142 -28.34 4.75 -11.80
N TRP B 143 -29.03 4.80 -10.67
CA TRP B 143 -30.46 4.69 -10.69
C TRP B 143 -31.18 6.05 -10.61
N GLY B 144 -30.40 7.12 -10.49
CA GLY B 144 -30.92 8.48 -10.45
C GLY B 144 -31.75 8.78 -9.20
N ALA B 145 -31.45 8.08 -8.10
CA ALA B 145 -32.16 8.19 -6.83
C ALA B 145 -33.50 7.44 -6.76
N LYS B 146 -33.85 6.76 -7.86
CA LYS B 146 -35.15 6.04 -7.95
C LYS B 146 -35.16 4.71 -7.14
N ALA B 147 -33.99 4.07 -7.06
CA ALA B 147 -33.82 2.84 -6.30
C ALA B 147 -34.06 3.08 -4.79
N GLU B 148 -33.03 3.62 -4.12
CA GLU B 148 -33.12 4.18 -2.78
C GLU B 148 -33.13 5.71 -2.88
N PRO B 149 -34.32 6.35 -2.75
CA PRO B 149 -34.40 7.82 -2.82
C PRO B 149 -33.71 8.47 -1.63
N LYS B 150 -33.49 7.68 -0.58
CA LYS B 150 -32.72 8.10 0.58
C LYS B 150 -31.38 8.69 0.16
N ILE B 151 -30.89 8.28 -1.01
CA ILE B 151 -29.58 8.74 -1.47
C ILE B 151 -29.51 10.26 -1.61
N ALA B 152 -30.62 10.86 -2.05
CA ALA B 152 -30.65 12.30 -2.24
C ALA B 152 -30.49 13.01 -0.90
N GLU B 153 -31.08 12.47 0.16
CA GLU B 153 -30.94 13.09 1.47
C GLU B 153 -29.49 13.11 1.88
N VAL B 154 -28.73 12.11 1.42
CA VAL B 154 -27.30 12.06 1.66
C VAL B 154 -26.65 13.19 0.86
N ALA B 155 -26.97 13.29 -0.42
CA ALA B 155 -26.43 14.38 -1.22
C ALA B 155 -26.82 15.69 -0.57
N ALA B 156 -28.09 15.79 -0.16
CA ALA B 156 -28.62 16.98 0.48
C ALA B 156 -27.85 17.29 1.75
N HIS B 157 -27.78 16.32 2.68
CA HIS B 157 -27.14 16.51 3.99
C HIS B 157 -25.68 16.91 3.88
N TYR B 158 -24.93 16.18 3.07
CA TYR B 158 -23.50 16.46 2.91
C TYR B 158 -23.24 17.56 1.89
N ASP B 159 -24.30 18.10 1.31
CA ASP B 159 -24.21 19.19 0.34
C ASP B 159 -23.18 18.93 -0.78
N VAL B 160 -23.23 17.75 -1.36
CA VAL B 160 -22.28 17.40 -2.40
C VAL B 160 -22.94 17.26 -3.75
N PRO B 161 -22.15 17.35 -4.82
CA PRO B 161 -22.77 17.20 -6.14
C PRO B 161 -23.23 15.76 -6.34
N ILE B 162 -24.38 15.58 -6.97
CA ILE B 162 -24.84 14.23 -7.32
C ILE B 162 -25.17 14.17 -8.80
N ILE B 163 -24.72 13.08 -9.42
CA ILE B 163 -24.96 12.82 -10.84
C ILE B 163 -26.14 11.91 -10.85
N LEU B 164 -27.17 12.29 -11.61
CA LEU B 164 -28.40 11.50 -11.73
C LEU B 164 -28.50 10.94 -13.12
N MET B 165 -28.70 9.64 -13.20
CA MET B 165 -28.64 8.98 -14.49
C MET B 165 -30.02 8.46 -14.88
N HIS B 166 -30.29 8.51 -16.18
CA HIS B 166 -31.46 7.88 -16.72
C HIS B 166 -31.35 6.33 -16.73
N ASN B 167 -32.38 5.71 -16.17
CA ASN B 167 -32.48 4.28 -16.06
C ASN B 167 -33.97 3.98 -15.82
N ARG B 168 -34.39 2.82 -16.27
CA ARG B 168 -35.73 2.31 -16.04
C ARG B 168 -35.68 0.81 -16.31
N ASP B 169 -36.45 0.01 -15.57
CA ASP B 169 -36.37 -1.44 -15.80
C ASP B 169 -36.59 -1.85 -17.27
N ASN B 170 -37.68 -1.41 -17.87
CA ASN B 170 -38.04 -1.77 -19.26
C ASN B 170 -37.28 -0.98 -20.34
N MET B 171 -37.44 -1.41 -21.60
CA MET B 171 -36.99 -0.64 -22.77
C MET B 171 -38.19 -0.29 -23.67
N ASN B 172 -39.28 0.18 -23.05
CA ASN B 172 -40.45 0.68 -23.77
C ASN B 172 -40.53 2.18 -23.81
N TYR B 173 -40.20 2.72 -24.97
CA TYR B 173 -40.21 4.14 -25.12
C TYR B 173 -41.19 4.50 -26.21
N ARG B 174 -42.14 5.37 -25.85
CA ARG B 174 -43.08 5.94 -26.82
C ARG B 174 -42.29 6.94 -27.67
N ASN B 175 -41.51 7.77 -26.99
CA ASN B 175 -40.67 8.76 -27.62
C ASN B 175 -39.44 8.78 -26.77
N LEU B 176 -38.33 8.29 -27.32
CA LEU B 176 -37.15 8.01 -26.51
C LEU B 176 -36.69 9.25 -25.79
N MET B 177 -36.31 10.27 -26.57
CA MET B 177 -35.74 11.47 -25.96
C MET B 177 -36.68 12.21 -25.00
N ALA B 178 -37.97 12.21 -25.34
CA ALA B 178 -38.96 12.81 -24.50
C ALA B 178 -39.19 11.96 -23.27
N ASP B 179 -39.13 10.64 -23.40
CA ASP B 179 -39.30 9.79 -22.22
C ASP B 179 -38.09 9.91 -21.30
N MET B 180 -36.91 10.07 -21.89
CA MET B 180 -35.70 10.19 -21.06
C MET B 180 -35.70 11.48 -20.27
N ILE B 181 -36.09 12.57 -20.94
CA ILE B 181 -36.15 13.87 -20.29
C ILE B 181 -37.22 13.85 -19.20
N ALA B 182 -38.37 13.28 -19.52
CA ALA B 182 -39.37 12.95 -18.51
C ALA B 182 -38.73 12.20 -17.30
N ASP B 183 -38.05 11.08 -17.55
CA ASP B 183 -37.46 10.28 -16.46
C ASP B 183 -36.42 11.09 -15.70
N LEU B 184 -35.54 11.77 -16.42
CA LEU B 184 -34.55 12.59 -15.77
C LEU B 184 -35.22 13.62 -14.86
N TYR B 185 -36.22 14.32 -15.37
CA TYR B 185 -36.90 15.28 -14.52
C TYR B 185 -37.55 14.61 -13.29
N ASP B 186 -38.11 13.41 -13.44
CA ASP B 186 -38.61 12.69 -12.27
C ASP B 186 -37.51 12.49 -11.23
N SER B 187 -36.26 12.36 -11.69
CA SER B 187 -35.13 12.18 -10.77
C SER B 187 -34.79 13.49 -10.08
N ILE B 188 -34.73 14.57 -10.86
CA ILE B 188 -34.41 15.88 -10.33
C ILE B 188 -35.41 16.31 -9.26
N LYS B 189 -36.69 16.01 -9.50
CA LYS B 189 -37.74 16.32 -8.54
C LYS B 189 -37.40 15.67 -7.22
N ILE B 190 -37.17 14.35 -7.25
CA ILE B 190 -36.80 13.60 -6.05
C ILE B 190 -35.65 14.27 -5.30
N ALA B 191 -34.60 14.64 -6.05
CA ALA B 191 -33.43 15.30 -5.49
C ALA B 191 -33.81 16.62 -4.83
N LYS B 192 -34.51 17.49 -5.55
CA LYS B 192 -34.83 18.82 -4.99
C LYS B 192 -35.70 18.74 -3.75
N ASP B 193 -36.65 17.82 -3.77
CA ASP B 193 -37.52 17.65 -2.64
C ASP B 193 -36.77 17.24 -1.40
N ALA B 194 -35.74 16.41 -1.59
CA ALA B 194 -34.89 16.02 -0.46
C ALA B 194 -33.96 17.15 -0.03
N GLY B 195 -33.77 18.14 -0.89
CA GLY B 195 -33.07 19.37 -0.51
C GLY B 195 -31.76 19.64 -1.22
N VAL B 196 -31.56 18.99 -2.37
CA VAL B 196 -30.34 19.15 -3.14
C VAL B 196 -30.46 20.46 -3.88
N ARG B 197 -29.56 21.41 -3.63
CA ARG B 197 -29.58 22.66 -4.41
C ARG B 197 -29.23 22.43 -5.88
N ASP B 198 -29.80 23.23 -6.77
CA ASP B 198 -29.66 23.00 -8.22
C ASP B 198 -28.23 22.78 -8.66
N GLU B 199 -27.34 23.57 -8.07
CA GLU B 199 -25.96 23.63 -8.52
C GLU B 199 -25.24 22.36 -8.15
N ASN B 200 -25.90 21.49 -7.40
CA ASN B 200 -25.37 20.19 -7.07
C ASN B 200 -25.91 19.07 -7.95
N ILE B 201 -26.57 19.42 -9.05
CA ILE B 201 -27.15 18.41 -9.90
C ILE B 201 -26.42 18.37 -11.22
N ILE B 202 -26.07 17.16 -11.64
CA ILE B 202 -25.46 16.86 -12.91
C ILE B 202 -26.32 15.74 -13.47
N LEU B 203 -26.41 15.65 -14.81
CA LEU B 203 -27.32 14.72 -15.43
C LEU B 203 -26.59 13.83 -16.38
N ASP B 204 -27.13 12.64 -16.58
CA ASP B 204 -26.49 11.61 -17.38
C ASP B 204 -27.55 10.82 -18.15
N PRO B 205 -27.42 10.77 -19.48
CA PRO B 205 -28.38 10.07 -20.32
C PRO B 205 -28.46 8.57 -20.05
N GLY B 206 -27.41 7.95 -19.57
CA GLY B 206 -27.47 6.55 -19.25
C GLY B 206 -27.41 5.70 -20.49
N ILE B 207 -26.44 6.01 -21.36
CA ILE B 207 -26.14 5.24 -22.56
C ILE B 207 -25.68 3.84 -22.14
N GLY B 208 -26.18 2.81 -22.80
CA GLY B 208 -25.89 1.47 -22.37
C GLY B 208 -26.86 0.86 -21.36
N PHE B 209 -27.67 1.69 -20.71
CA PHE B 209 -28.62 1.18 -19.74
C PHE B 209 -30.01 1.20 -20.30
N ALA B 210 -30.67 0.03 -20.31
CA ALA B 210 -32.08 -0.06 -20.70
C ALA B 210 -32.32 0.57 -22.07
N LYS B 211 -31.43 0.27 -23.02
CA LYS B 211 -31.56 0.81 -24.36
C LYS B 211 -31.11 -0.24 -25.34
N THR B 212 -31.92 -0.47 -26.37
CA THR B 212 -31.46 -1.22 -27.53
C THR B 212 -30.29 -0.46 -28.14
N PRO B 213 -29.42 -1.17 -28.89
CA PRO B 213 -28.34 -0.51 -29.64
C PRO B 213 -28.84 0.73 -30.40
N GLU B 214 -29.97 0.58 -31.10
CA GLU B 214 -30.64 1.71 -31.76
C GLU B 214 -30.92 2.91 -30.87
N GLN B 215 -31.51 2.65 -29.72
CA GLN B 215 -31.87 3.71 -28.82
C GLN B 215 -30.61 4.43 -28.36
N ASN B 216 -29.53 3.68 -28.15
CA ASN B 216 -28.24 4.26 -27.80
C ASN B 216 -27.73 5.19 -28.88
N LEU B 217 -27.75 4.73 -30.12
CA LEU B 217 -27.40 5.59 -31.24
C LEU B 217 -28.29 6.84 -31.28
N GLU B 218 -29.59 6.66 -31.06
CA GLU B 218 -30.52 7.77 -31.17
C GLU B 218 -30.35 8.78 -30.05
N ALA B 219 -30.16 8.28 -28.84
CA ALA B 219 -29.86 9.15 -27.70
C ALA B 219 -28.62 9.96 -27.99
N MET B 220 -27.54 9.34 -28.48
CA MET B 220 -26.35 10.10 -28.88
C MET B 220 -26.68 11.18 -29.90
N ARG B 221 -27.45 10.82 -30.93
CA ARG B 221 -27.79 11.75 -31.98
C ARG B 221 -28.50 12.99 -31.43
N ASN B 222 -29.33 12.78 -30.39
CA ASN B 222 -30.13 13.85 -29.82
C ASN B 222 -29.68 14.37 -28.46
N LEU B 223 -28.42 14.17 -28.11
CA LEU B 223 -27.96 14.58 -26.77
C LEU B 223 -28.33 15.99 -26.41
N GLU B 224 -28.13 16.92 -27.34
CA GLU B 224 -28.33 18.35 -27.04
C GLU B 224 -29.66 18.64 -26.38
N GLN B 225 -30.69 17.85 -26.68
CA GLN B 225 -31.99 18.04 -26.03
C GLN B 225 -31.98 18.04 -24.50
N LEU B 226 -31.08 17.31 -23.87
CA LEU B 226 -30.98 17.38 -22.41
C LEU B 226 -30.57 18.75 -21.92
N ASN B 227 -29.86 19.52 -22.75
CA ASN B 227 -29.42 20.82 -22.30
C ASN B 227 -30.59 21.72 -21.89
N VAL B 228 -31.78 21.46 -22.42
CA VAL B 228 -32.88 22.32 -22.04
C VAL B 228 -33.26 22.18 -20.56
N LEU B 229 -32.81 21.13 -19.89
CA LEU B 229 -33.22 21.05 -18.50
C LEU B 229 -32.43 21.95 -17.61
N GLY B 230 -31.34 22.50 -18.14
CA GLY B 230 -30.52 23.48 -17.42
C GLY B 230 -29.43 22.96 -16.48
N TYR B 231 -29.05 21.69 -16.58
CA TYR B 231 -28.01 21.14 -15.73
C TYR B 231 -26.82 20.67 -16.56
N PRO B 232 -25.65 20.61 -15.94
CA PRO B 232 -24.50 20.00 -16.62
C PRO B 232 -24.76 18.51 -16.92
N VAL B 233 -24.37 18.07 -18.13
CA VAL B 233 -24.48 16.67 -18.55
C VAL B 233 -23.13 15.95 -18.53
N LEU B 234 -23.09 14.80 -17.88
CA LEU B 234 -21.98 13.85 -17.96
C LEU B 234 -22.35 12.72 -18.92
N LEU B 235 -21.38 12.27 -19.70
CA LEU B 235 -21.60 11.21 -20.68
C LEU B 235 -20.77 9.95 -20.46
N GLY B 236 -21.40 8.83 -20.15
CA GLY B 236 -20.61 7.61 -19.97
C GLY B 236 -20.81 6.59 -21.08
N THR B 237 -19.92 6.58 -22.06
CA THR B 237 -20.06 5.66 -23.21
C THR B 237 -18.87 4.71 -23.35
N SER B 238 -17.94 4.80 -22.40
CA SER B 238 -16.64 4.15 -22.53
C SER B 238 -16.71 2.66 -22.77
N ARG B 239 -16.18 2.27 -23.93
CA ARG B 239 -15.98 0.87 -24.27
C ARG B 239 -17.23 0.03 -24.29
N LYS B 240 -18.39 0.68 -24.33
CA LYS B 240 -19.65 0.02 -24.08
C LYS B 240 -20.13 -0.90 -25.20
N SER B 241 -21.02 -1.80 -24.84
CA SER B 241 -21.54 -2.81 -25.74
C SER B 241 -22.02 -2.23 -27.10
N PHE B 242 -22.73 -1.10 -27.10
CA PHE B 242 -23.27 -0.52 -28.33
C PHE B 242 -22.19 -0.07 -29.33
N ILE B 243 -21.03 0.32 -28.80
CA ILE B 243 -19.85 0.55 -29.63
C ILE B 243 -19.45 -0.76 -30.33
N GLY B 244 -19.49 -1.84 -29.55
CA GLY B 244 -19.26 -3.16 -30.10
C GLY B 244 -20.17 -3.48 -31.26
N HIS B 245 -21.46 -3.23 -31.09
CA HIS B 245 -22.44 -3.71 -32.08
C HIS B 245 -22.30 -2.97 -33.42
N VAL B 246 -21.94 -1.69 -33.36
CA VAL B 246 -21.75 -0.91 -34.58
C VAL B 246 -20.47 -1.38 -35.26
N LEU B 247 -19.39 -1.40 -34.50
CA LEU B 247 -18.06 -1.69 -35.04
C LEU B 247 -17.75 -3.18 -35.23
N ASP B 248 -18.64 -4.02 -34.67
CA ASP B 248 -18.38 -5.45 -34.50
C ASP B 248 -16.97 -5.68 -33.96
N LEU B 249 -16.76 -5.24 -32.72
CA LEU B 249 -15.46 -5.28 -32.09
C LEU B 249 -15.55 -5.63 -30.60
N PRO B 250 -14.63 -6.47 -30.10
CA PRO B 250 -14.65 -6.81 -28.67
C PRO B 250 -14.18 -5.63 -27.79
N VAL B 251 -14.34 -5.76 -26.49
CA VAL B 251 -14.18 -4.62 -25.57
C VAL B 251 -12.80 -3.95 -25.62
N GLU B 252 -11.74 -4.74 -25.75
CA GLU B 252 -10.38 -4.19 -25.80
C GLU B 252 -10.05 -3.46 -27.12
N GLU B 253 -10.96 -3.47 -28.09
CA GLU B 253 -10.73 -2.75 -29.35
C GLU B 253 -11.75 -1.61 -29.63
N ARG B 254 -12.10 -0.81 -28.62
CA ARG B 254 -13.17 0.19 -28.77
C ARG B 254 -12.70 1.61 -28.42
N LEU B 255 -11.40 1.84 -28.49
CA LEU B 255 -10.87 3.18 -28.24
C LEU B 255 -11.44 4.14 -29.28
N GLU B 256 -11.28 3.84 -30.57
CA GLU B 256 -11.81 4.65 -31.66
C GLU B 256 -13.31 4.90 -31.54
N GLY B 257 -14.09 3.86 -31.29
CA GLY B 257 -15.51 4.01 -31.12
C GLY B 257 -15.77 4.91 -29.95
N THR B 258 -15.11 4.63 -28.84
CA THR B 258 -15.34 5.44 -27.66
C THR B 258 -15.10 6.89 -27.98
N GLY B 259 -14.04 7.15 -28.75
CA GLY B 259 -13.66 8.51 -29.09
C GLY B 259 -14.75 9.21 -29.86
N ALA B 260 -15.28 8.53 -30.87
CA ALA B 260 -16.32 9.15 -31.68
C ALA B 260 -17.45 9.60 -30.76
N THR B 261 -17.90 8.71 -29.89
CA THR B 261 -18.96 9.04 -28.95
C THR B 261 -18.59 10.23 -28.06
N VAL B 262 -17.39 10.20 -27.49
CA VAL B 262 -16.91 11.32 -26.71
C VAL B 262 -16.92 12.58 -27.51
N CYS B 263 -16.39 12.55 -28.72
CA CYS B 263 -16.34 13.77 -29.53
C CYS B 263 -17.70 14.32 -29.86
N LEU B 264 -18.67 13.44 -30.11
CA LEU B 264 -20.00 13.88 -30.49
C LEU B 264 -20.67 14.41 -29.25
N GLY B 265 -20.40 13.76 -28.13
CA GLY B 265 -20.90 14.19 -26.84
C GLY B 265 -20.51 15.61 -26.57
N ILE B 266 -19.23 15.91 -26.72
CA ILE B 266 -18.73 17.25 -26.41
C ILE B 266 -19.36 18.29 -27.36
N GLU B 267 -19.53 17.89 -28.62
CA GLU B 267 -20.07 18.79 -29.65
C GLU B 267 -21.53 19.08 -29.35
N LYS B 268 -22.20 18.20 -28.60
CA LYS B 268 -23.58 18.42 -28.21
C LYS B 268 -23.70 19.06 -26.83
N GLY B 269 -22.57 19.51 -26.29
CA GLY B 269 -22.59 20.26 -25.04
C GLY B 269 -22.41 19.53 -23.73
N CYS B 270 -21.99 18.28 -23.77
CA CYS B 270 -21.62 17.58 -22.52
C CYS B 270 -20.50 18.26 -21.77
N GLU B 271 -20.58 18.21 -20.45
CA GLU B 271 -19.50 18.76 -19.67
C GLU B 271 -18.55 17.74 -19.02
N PHE B 272 -18.96 16.49 -18.97
CA PHE B 272 -18.10 15.49 -18.39
C PHE B 272 -18.12 14.31 -19.30
N VAL B 273 -17.02 13.56 -19.33
CA VAL B 273 -17.05 12.25 -19.90
C VAL B 273 -16.40 11.26 -18.93
N ARG B 274 -17.03 10.10 -18.77
CA ARG B 274 -16.57 9.08 -17.85
C ARG B 274 -15.98 7.94 -18.66
N VAL B 275 -14.65 7.89 -18.63
CA VAL B 275 -13.90 7.11 -19.61
C VAL B 275 -12.77 6.29 -18.99
N HIS B 276 -12.25 5.35 -19.76
CA HIS B 276 -11.25 4.39 -19.30
C HIS B 276 -9.88 4.77 -19.80
N ASP B 277 -9.82 5.16 -21.07
CA ASP B 277 -8.56 5.47 -21.71
C ASP B 277 -8.32 6.95 -21.56
N VAL B 278 -8.01 7.32 -20.33
CA VAL B 278 -7.87 8.69 -19.96
C VAL B 278 -6.87 9.43 -20.84
N LYS B 279 -5.69 8.86 -21.08
CA LYS B 279 -4.72 9.55 -21.95
C LYS B 279 -5.34 9.95 -23.29
N GLU B 280 -5.90 8.98 -23.99
CA GLU B 280 -6.41 9.19 -25.32
C GLU B 280 -7.63 10.12 -25.28
N MET B 281 -8.57 9.85 -24.38
CA MET B 281 -9.78 10.65 -24.37
C MET B 281 -9.50 12.08 -24.00
N SER B 282 -8.46 12.32 -23.19
CA SER B 282 -8.17 13.68 -22.73
C SER B 282 -7.74 14.58 -23.84
N ARG B 283 -6.89 14.02 -24.70
CA ARG B 283 -6.39 14.69 -25.86
C ARG B 283 -7.50 14.97 -26.83
N MET B 284 -8.45 14.04 -26.96
CA MET B 284 -9.50 14.27 -27.88
C MET B 284 -10.39 15.38 -27.42
N ALA B 285 -10.70 15.38 -26.12
CA ALA B 285 -11.53 16.38 -25.53
C ALA B 285 -10.82 17.72 -25.64
N LYS B 286 -9.52 17.73 -25.36
CA LYS B 286 -8.80 18.98 -25.44
C LYS B 286 -8.88 19.58 -26.84
N MET B 287 -8.92 18.75 -27.88
CA MET B 287 -8.89 19.25 -29.25
C MET B 287 -10.30 19.69 -29.62
N MET B 288 -11.32 18.87 -29.31
CA MET B 288 -12.72 19.27 -29.43
C MET B 288 -12.92 20.60 -28.75
N ASP B 289 -12.65 20.68 -27.44
CA ASP B 289 -12.78 21.97 -26.72
C ASP B 289 -12.21 23.13 -27.55
N ALA B 290 -11.04 22.98 -28.13
CA ALA B 290 -10.47 24.10 -28.87
C ALA B 290 -11.28 24.48 -30.10
N MET B 291 -11.89 23.50 -30.75
CA MET B 291 -12.63 23.75 -31.99
C MET B 291 -14.00 24.33 -31.69
N ILE B 292 -14.64 23.84 -30.64
CA ILE B 292 -16.00 24.26 -30.38
C ILE B 292 -15.93 25.60 -29.64
N GLY B 293 -14.74 25.96 -29.18
CA GLY B 293 -14.49 27.28 -28.61
C GLY B 293 -14.69 27.39 -27.12
N LYS B 294 -14.84 26.26 -26.43
CA LYS B 294 -14.91 26.27 -24.96
C LYS B 294 -13.89 27.25 -24.30
#